data_3I9S
#
_entry.id   3I9S
#
_cell.length_a   75.239
_cell.length_b   75.239
_cell.length_c   310.424
_cell.angle_alpha   90.00
_cell.angle_beta   90.00
_cell.angle_gamma   90.00
#
_symmetry.space_group_name_H-M   'P 41 2 2'
#
loop_
_entity.id
_entity.type
_entity.pdbx_description
1 polymer 'Integron cassette protein'
2 non-polymer 'SULFATE ION'
3 non-polymer 'CHLORIDE ION'
4 water water
#
_entity_poly.entity_id   1
_entity_poly.type   'polypeptide(L)'
_entity_poly.pdbx_seq_one_letter_code
;(MSE)GSSHHHHHHSSGRENLYFQG(MSE)SVEIKRVDKHHCLDLVGIFIELERYYFGDKAASEQDLANYLSHQVFSEHS
GVKVIAAVEHDKVLGFATYTI(MSE)FPAPKLSGQ(MSE)Y(MSE)KDLFVSSSARGKGIGLQL(MSE)KHLATIAITHN
CQRLDWTAESTNPTAGKFYKSIGASLIREKEYYRFEGNGLNKLAKSL
;
_entity_poly.pdbx_strand_id   A,B,C,D
#
# COMPACT_ATOMS: atom_id res chain seq x y z
N SER A 23 -8.57 24.10 -27.16
CA SER A 23 -9.89 23.50 -27.17
C SER A 23 -10.00 22.32 -26.20
N VAL A 24 -9.22 21.27 -26.47
CA VAL A 24 -9.19 20.11 -25.61
C VAL A 24 -7.82 19.93 -24.98
N GLU A 25 -7.75 20.06 -23.66
CA GLU A 25 -6.47 19.97 -22.96
C GLU A 25 -6.22 18.60 -22.34
N ILE A 26 -4.98 18.14 -22.43
CA ILE A 26 -4.56 16.91 -21.78
C ILE A 26 -3.69 17.28 -20.61
N LYS A 27 -4.04 16.80 -19.44
CA LYS A 27 -3.22 17.05 -18.27
C LYS A 27 -3.14 15.82 -17.40
N ARG A 28 -2.08 15.75 -16.60
CA ARG A 28 -1.95 14.71 -15.61
C ARG A 28 -2.91 15.02 -14.45
N VAL A 29 -3.63 14.01 -13.98
CA VAL A 29 -4.50 14.18 -12.82
C VAL A 29 -3.75 13.79 -11.55
N ASP A 30 -3.64 14.72 -10.60
CA ASP A 30 -2.92 14.41 -9.36
C ASP A 30 -3.89 13.89 -8.31
N LYS A 31 -3.34 13.44 -7.19
CA LYS A 31 -4.15 12.76 -6.17
C LYS A 31 -5.26 13.66 -5.63
N HIS A 32 -5.00 14.96 -5.55
CA HIS A 32 -5.98 15.87 -4.98
C HIS A 32 -7.19 16.07 -5.88
N HIS A 33 -7.08 15.66 -7.14
CA HIS A 33 -8.20 15.79 -8.05
C HIS A 33 -8.69 14.43 -8.57
N CYS A 34 -8.33 13.36 -7.87
CA CYS A 34 -8.62 12.01 -8.39
C CYS A 34 -10.12 11.79 -8.60
N LEU A 35 -10.94 12.42 -7.77
CA LEU A 35 -12.39 12.25 -7.90
C LEU A 35 -12.94 12.88 -9.19
N ASP A 36 -12.17 13.73 -9.84
CA ASP A 36 -12.58 14.26 -11.15
C ASP A 36 -12.77 13.13 -12.16
N LEU A 37 -12.14 11.99 -11.90
CA LEU A 37 -12.17 10.86 -12.82
C LEU A 37 -13.39 9.95 -12.64
N VAL A 38 -14.16 10.17 -11.58
CA VAL A 38 -15.29 9.28 -11.26
C VAL A 38 -16.28 9.12 -12.44
N GLY A 39 -16.74 10.25 -12.99
CA GLY A 39 -17.63 10.23 -14.14
C GLY A 39 -17.13 9.29 -15.24
N ILE A 40 -15.87 9.44 -15.63
CA ILE A 40 -15.36 8.65 -16.75
C ILE A 40 -15.14 7.17 -16.40
N PHE A 41 -14.85 6.87 -15.13
CA PHE A 41 -14.66 5.48 -14.71
C PHE A 41 -15.99 4.73 -14.67
N ILE A 42 -17.04 5.41 -14.22
CA ILE A 42 -18.38 4.87 -14.26
C ILE A 42 -18.70 4.48 -15.70
N GLU A 43 -18.40 5.36 -16.64
CA GLU A 43 -18.68 5.06 -18.05
C GLU A 43 -17.84 3.87 -18.48
N LEU A 44 -16.58 3.84 -18.06
CA LEU A 44 -15.72 2.71 -18.39
C LEU A 44 -16.28 1.41 -17.80
N GLU A 45 -16.75 1.48 -16.56
CA GLU A 45 -17.29 0.33 -15.86
C GLU A 45 -18.54 -0.21 -16.57
N ARG A 46 -19.42 0.68 -16.97
CA ARG A 46 -20.64 0.27 -17.67
C ARG A 46 -20.29 -0.36 -19.01
N TYR A 47 -19.34 0.25 -19.72
CA TYR A 47 -18.98 -0.22 -21.04
C TYR A 47 -18.44 -1.64 -20.97
N TYR A 48 -17.57 -1.88 -20.00
CA TYR A 48 -16.86 -3.17 -19.91
C TYR A 48 -17.61 -4.24 -19.13
N PHE A 49 -18.47 -3.84 -18.20
CA PHE A 49 -19.06 -4.82 -17.29
C PHE A 49 -20.59 -4.75 -17.23
N GLY A 50 -21.17 -3.79 -17.94
CA GLY A 50 -22.61 -3.64 -18.01
C GLY A 50 -23.28 -3.57 -16.64
N ASP A 51 -24.20 -4.48 -16.37
CA ASP A 51 -24.97 -4.49 -15.13
C ASP A 51 -24.07 -4.68 -13.89
N LYS A 52 -22.89 -5.28 -14.09
CA LYS A 52 -21.95 -5.50 -13.00
C LYS A 52 -21.07 -4.28 -12.73
N ALA A 53 -21.48 -3.12 -13.25
CA ALA A 53 -20.72 -1.90 -13.07
C ALA A 53 -20.74 -1.46 -11.61
N ALA A 54 -19.60 -0.96 -11.14
CA ALA A 54 -19.44 -0.49 -9.77
C ALA A 54 -20.17 0.84 -9.53
N SER A 55 -20.60 1.05 -8.29
CA SER A 55 -21.26 2.28 -7.88
C SER A 55 -20.28 3.45 -7.78
N GLU A 56 -20.82 4.66 -7.75
CA GLU A 56 -20.02 5.87 -7.73
C GLU A 56 -19.15 5.97 -6.46
N GLN A 57 -19.69 5.56 -5.32
CA GLN A 57 -18.93 5.53 -4.07
C GLN A 57 -17.83 4.46 -4.06
N ASP A 58 -18.12 3.27 -4.59
CA ASP A 58 -17.09 2.26 -4.83
C ASP A 58 -15.91 2.88 -5.58
N LEU A 59 -16.23 3.56 -6.68
CA LEU A 59 -15.19 4.04 -7.60
C LEU A 59 -14.39 5.18 -6.98
N ALA A 60 -15.07 6.03 -6.23
CA ALA A 60 -14.40 7.10 -5.52
C ALA A 60 -13.39 6.51 -4.54
N ASN A 61 -13.79 5.47 -3.83
CA ASN A 61 -12.88 4.80 -2.90
C ASN A 61 -11.68 4.15 -3.65
N TYR A 62 -12.01 3.36 -4.67
CA TYR A 62 -11.02 2.77 -5.57
C TYR A 62 -10.02 3.81 -6.09
N LEU A 63 -10.52 4.96 -6.53
CA LEU A 63 -9.66 6.01 -7.04
C LEU A 63 -8.73 6.57 -5.95
N SER A 64 -9.30 6.95 -4.81
CA SER A 64 -8.53 7.60 -3.74
C SER A 64 -7.50 6.68 -3.05
N HIS A 65 -7.82 5.40 -2.89
CA HIS A 65 -6.98 4.51 -2.06
C HIS A 65 -6.35 3.34 -2.79
N GLN A 66 -6.61 3.22 -4.09
CA GLN A 66 -5.96 2.21 -4.90
C GLN A 66 -5.22 2.81 -6.09
N VAL A 67 -5.97 3.40 -7.02
CA VAL A 67 -5.41 3.97 -8.23
C VAL A 67 -4.38 5.04 -7.89
N PHE A 68 -4.69 5.84 -6.87
CA PHE A 68 -3.79 6.86 -6.37
C PHE A 68 -3.19 6.49 -5.00
N SER A 69 -2.93 5.20 -4.79
CA SER A 69 -2.20 4.76 -3.59
C SER A 69 -0.68 4.86 -3.79
N GLU A 70 0.07 4.58 -2.71
CA GLU A 70 1.52 4.52 -2.77
C GLU A 70 2.03 3.29 -3.49
N HIS A 71 1.25 2.23 -3.48
CA HIS A 71 1.63 1.01 -4.17
C HIS A 71 1.17 0.96 -5.64
N SER A 72 0.52 2.02 -6.13
CA SER A 72 0.10 2.08 -7.56
C SER A 72 1.30 2.39 -8.43
N GLY A 73 1.47 1.62 -9.50
CA GLY A 73 2.51 1.92 -10.47
C GLY A 73 2.10 2.90 -11.57
N VAL A 74 0.82 3.26 -11.64
CA VAL A 74 0.39 4.10 -12.77
C VAL A 74 0.22 5.57 -12.44
N LYS A 75 0.40 6.40 -13.47
CA LYS A 75 -0.12 7.76 -13.43
C LYS A 75 -1.30 7.87 -14.39
N VAL A 76 -2.07 8.95 -14.27
CA VAL A 76 -3.26 9.08 -15.07
C VAL A 76 -3.25 10.42 -15.78
N ILE A 77 -3.43 10.41 -17.10
CA ILE A 77 -3.69 11.68 -17.80
C ILE A 77 -5.13 11.72 -18.31
N ALA A 78 -5.69 12.92 -18.45
CA ALA A 78 -7.08 13.07 -18.87
C ALA A 78 -7.25 14.16 -19.90
N ALA A 79 -8.17 13.94 -20.83
CA ALA A 79 -8.52 14.96 -21.82
C ALA A 79 -9.75 15.72 -21.33
N VAL A 80 -9.63 17.04 -21.24
CA VAL A 80 -10.72 17.85 -20.68
C VAL A 80 -11.21 18.94 -21.62
N GLU A 81 -12.53 18.99 -21.79
CA GLU A 81 -13.17 20.02 -22.59
C GLU A 81 -14.40 20.53 -21.83
N HIS A 82 -14.38 21.83 -21.51
CA HIS A 82 -15.45 22.45 -20.71
C HIS A 82 -15.67 21.78 -19.37
N ASP A 83 -14.58 21.53 -18.65
CA ASP A 83 -14.66 20.98 -17.30
C ASP A 83 -15.23 19.57 -17.24
N LYS A 84 -15.37 18.93 -18.39
CA LYS A 84 -15.78 17.53 -18.42
C LYS A 84 -14.66 16.65 -18.95
N VAL A 85 -14.53 15.44 -18.41
CA VAL A 85 -13.53 14.48 -18.85
C VAL A 85 -14.05 13.73 -20.06
N LEU A 86 -13.29 13.79 -21.17
CA LEU A 86 -13.71 13.17 -22.41
C LEU A 86 -13.01 11.81 -22.59
N GLY A 87 -11.88 11.63 -21.91
CA GLY A 87 -11.13 10.40 -22.00
C GLY A 87 -9.93 10.43 -21.06
N PHE A 88 -9.38 9.25 -20.80
CA PHE A 88 -8.20 9.15 -19.94
C PHE A 88 -7.31 8.00 -20.43
N ALA A 89 -6.04 8.04 -20.03
CA ALA A 89 -5.13 6.90 -20.17
C ALA A 89 -4.33 6.74 -18.89
N THR A 90 -4.02 5.50 -18.55
CA THR A 90 -3.09 5.22 -17.46
C THR A 90 -1.85 4.57 -18.02
N TYR A 91 -0.71 4.93 -17.44
CA TYR A 91 0.57 4.43 -17.92
C TYR A 91 1.52 4.26 -16.76
N THR A 92 2.52 3.43 -16.99
CA THR A 92 3.57 3.22 -16.02
C THR A 92 4.89 3.19 -16.82
N ILE A 93 5.99 3.44 -16.14
CA ILE A 93 7.31 3.28 -16.75
C ILE A 93 8.04 2.13 -16.07
N PHE A 95 11.19 -0.98 -15.83
CA PHE A 95 12.61 -1.29 -15.94
C PHE A 95 12.82 -2.74 -15.55
N PRO A 96 13.92 -3.35 -16.05
CA PRO A 96 14.88 -2.77 -16.99
C PRO A 96 14.44 -2.93 -18.43
N ALA A 97 15.12 -2.23 -19.33
CA ALA A 97 14.81 -2.23 -20.75
C ALA A 97 16.09 -1.92 -21.53
N PRO A 98 16.06 -2.16 -22.85
CA PRO A 98 17.26 -2.01 -23.68
C PRO A 98 17.78 -0.57 -23.70
N LYS A 99 19.05 -0.43 -24.04
CA LYS A 99 19.68 0.87 -24.22
C LYS A 99 19.60 1.79 -22.98
N LEU A 100 19.72 1.21 -21.79
CA LEU A 100 19.73 1.98 -20.54
C LEU A 100 18.56 2.95 -20.46
N SER A 101 17.35 2.44 -20.68
CA SER A 101 16.22 3.33 -20.71
C SER A 101 14.99 2.67 -20.12
N GLY A 102 13.90 3.44 -20.07
CA GLY A 102 12.63 2.94 -19.59
C GLY A 102 11.76 2.40 -20.71
N GLN A 103 10.83 1.54 -20.35
CA GLN A 103 9.83 1.08 -21.30
C GLN A 103 8.51 1.59 -20.78
N TYR A 105 4.52 1.75 -20.49
CA TYR A 105 3.46 0.81 -20.78
C TYR A 105 2.13 1.47 -20.46
N LYS A 107 -1.65 1.04 -19.72
CA LYS A 107 -2.54 0.00 -19.21
C LYS A 107 -3.91 0.12 -19.87
N ASP A 108 -4.48 1.32 -19.83
CA ASP A 108 -5.78 1.54 -20.43
C ASP A 108 -5.85 2.85 -21.19
N LEU A 109 -6.57 2.82 -22.30
CA LEU A 109 -6.93 4.00 -23.06
C LEU A 109 -8.45 3.98 -23.21
N PHE A 110 -9.12 5.08 -22.87
CA PHE A 110 -10.58 5.11 -22.91
C PHE A 110 -11.12 6.46 -23.32
N VAL A 111 -11.99 6.46 -24.32
CA VAL A 111 -12.60 7.68 -24.79
C VAL A 111 -14.12 7.62 -24.65
N SER A 112 -14.68 8.62 -23.97
CA SER A 112 -16.11 8.70 -23.79
C SER A 112 -16.87 8.64 -25.13
N SER A 113 -17.95 7.87 -25.14
CA SER A 113 -18.81 7.79 -26.30
C SER A 113 -19.29 9.18 -26.68
N SER A 114 -19.29 10.10 -25.72
CA SER A 114 -19.76 11.47 -25.94
C SER A 114 -18.71 12.39 -26.59
N ALA A 115 -17.47 11.89 -26.74
CA ALA A 115 -16.38 12.69 -27.27
C ALA A 115 -15.90 12.06 -28.56
N ARG A 116 -16.65 11.04 -29.00
CA ARG A 116 -16.28 10.27 -30.17
C ARG A 116 -16.24 11.10 -31.46
N GLY A 117 -15.25 10.82 -32.29
CA GLY A 117 -15.14 11.49 -33.57
C GLY A 117 -14.22 12.70 -33.48
N LYS A 118 -13.67 12.96 -32.30
CA LYS A 118 -12.81 14.13 -32.14
C LYS A 118 -11.32 13.76 -32.04
N GLY A 119 -11.00 12.49 -32.26
CA GLY A 119 -9.62 12.04 -32.18
C GLY A 119 -8.99 12.13 -30.79
N ILE A 120 -9.80 12.01 -29.75
CA ILE A 120 -9.30 12.12 -28.38
C ILE A 120 -8.20 11.10 -28.09
N GLY A 121 -8.41 9.86 -28.52
CA GLY A 121 -7.47 8.77 -28.29
C GLY A 121 -6.09 9.05 -28.85
N LEU A 122 -6.04 9.57 -30.07
CA LEU A 122 -4.78 9.97 -30.69
C LEU A 122 -4.10 11.07 -29.88
N GLN A 123 -4.85 12.09 -29.48
CA GLN A 123 -4.29 13.16 -28.66
C GLN A 123 -3.73 12.63 -27.33
N LEU A 124 -4.45 11.69 -26.72
CA LEU A 124 -3.95 11.10 -25.47
C LEU A 124 -2.62 10.36 -25.73
N LYS A 126 -0.42 10.79 -28.31
CA LYS A 126 0.62 11.78 -28.59
C LYS A 126 1.18 12.34 -27.30
N HIS A 127 0.29 12.70 -26.38
CA HIS A 127 0.74 13.23 -25.08
C HIS A 127 1.58 12.20 -24.32
N LEU A 128 1.13 10.95 -24.28
CA LEU A 128 1.92 9.89 -23.66
C LEU A 128 3.29 9.82 -24.32
N ALA A 129 3.32 9.96 -25.64
CA ALA A 129 4.57 9.87 -26.37
C ALA A 129 5.53 10.96 -25.91
N THR A 130 4.97 12.13 -25.64
CA THR A 130 5.77 13.25 -25.15
C THR A 130 6.39 12.97 -23.77
N ILE A 131 5.61 12.41 -22.86
CA ILE A 131 6.13 12.04 -21.55
C ILE A 131 7.24 11.00 -21.68
N ALA A 132 7.03 10.02 -22.56
CA ALA A 132 8.05 8.99 -22.79
C ALA A 132 9.41 9.57 -23.16
N ILE A 133 9.45 10.50 -24.10
CA ILE A 133 10.75 11.00 -24.55
C ILE A 133 11.42 11.91 -23.52
N THR A 134 10.63 12.65 -22.74
CA THR A 134 11.22 13.49 -21.71
C THR A 134 11.65 12.69 -20.48
N HIS A 135 11.26 11.42 -20.39
CA HIS A 135 11.69 10.59 -19.28
C HIS A 135 12.54 9.41 -19.76
N ASN A 136 13.24 9.61 -20.86
CA ASN A 136 14.17 8.62 -21.41
C ASN A 136 13.57 7.24 -21.62
N CYS A 137 12.36 7.18 -22.17
CA CYS A 137 11.83 5.91 -22.65
C CYS A 137 12.01 5.83 -24.16
N GLN A 138 12.42 4.68 -24.66
CA GLN A 138 12.59 4.51 -26.09
C GLN A 138 11.43 3.73 -26.65
N ARG A 139 10.57 3.22 -25.76
CA ARG A 139 9.44 2.41 -26.15
C ARG A 139 8.17 2.83 -25.44
N LEU A 140 7.06 2.78 -26.15
CA LEU A 140 5.74 2.88 -25.57
C LEU A 140 4.96 1.63 -25.96
N ASP A 141 4.63 0.79 -24.99
CA ASP A 141 3.98 -0.49 -25.26
C ASP A 141 2.58 -0.53 -24.68
N TRP A 142 1.75 -1.40 -25.24
CA TRP A 142 0.43 -1.69 -24.70
C TRP A 142 -0.13 -2.94 -25.38
N THR A 143 -1.26 -3.43 -24.90
CA THR A 143 -1.93 -4.56 -25.53
C THR A 143 -3.35 -4.19 -25.99
N ALA A 144 -3.89 -4.99 -26.90
CA ALA A 144 -5.30 -4.94 -27.27
C ALA A 144 -5.83 -6.37 -27.36
N GLU A 145 -7.14 -6.51 -27.39
CA GLU A 145 -7.78 -7.82 -27.57
C GLU A 145 -8.06 -8.08 -29.06
N SER A 146 -7.79 -9.31 -29.48
CA SER A 146 -8.04 -9.71 -30.87
C SER A 146 -9.54 -9.80 -31.15
N THR A 147 -10.33 -9.82 -30.08
CA THR A 147 -11.78 -9.87 -30.19
C THR A 147 -12.34 -8.46 -30.32
N ASN A 148 -11.44 -7.50 -30.47
CA ASN A 148 -11.81 -6.10 -30.59
C ASN A 148 -11.00 -5.51 -31.73
N PRO A 149 -11.09 -6.14 -32.91
CA PRO A 149 -10.20 -5.93 -34.05
C PRO A 149 -10.15 -4.45 -34.48
N THR A 150 -11.17 -3.70 -34.09
CA THR A 150 -11.21 -2.26 -34.28
C THR A 150 -9.98 -1.59 -33.68
N ALA A 151 -9.74 -1.87 -32.41
CA ALA A 151 -8.61 -1.30 -31.71
C ALA A 151 -7.31 -1.51 -32.49
N GLY A 152 -7.03 -2.75 -32.87
CA GLY A 152 -5.81 -3.05 -33.61
C GLY A 152 -5.70 -2.27 -34.91
N LYS A 153 -6.82 -2.12 -35.61
CA LYS A 153 -6.85 -1.34 -36.84
C LYS A 153 -6.47 0.10 -36.56
N PHE A 154 -7.13 0.70 -35.57
CA PHE A 154 -6.76 2.04 -35.11
C PHE A 154 -5.26 2.12 -34.78
N TYR A 155 -4.78 1.20 -33.95
CA TYR A 155 -3.39 1.24 -33.54
C TYR A 155 -2.47 1.13 -34.74
N LYS A 156 -2.72 0.16 -35.61
CA LYS A 156 -1.94 0.01 -36.84
C LYS A 156 -2.03 1.26 -37.70
N SER A 157 -3.20 1.88 -37.75
CA SER A 157 -3.40 3.06 -38.60
C SER A 157 -2.58 4.28 -38.15
N ILE A 158 -2.22 4.33 -36.86
CA ILE A 158 -1.43 5.46 -36.39
C ILE A 158 0.08 5.21 -36.36
N GLY A 159 0.51 4.09 -36.94
CA GLY A 159 1.92 3.79 -37.06
C GLY A 159 2.52 2.80 -36.05
N ALA A 160 1.67 2.20 -35.23
CA ALA A 160 2.13 1.25 -34.23
C ALA A 160 2.56 -0.07 -34.88
N SER A 161 3.56 -0.72 -34.31
CA SER A 161 3.94 -2.05 -34.77
C SER A 161 3.39 -3.14 -33.85
N LEU A 162 2.89 -4.21 -34.46
CA LEU A 162 2.43 -5.36 -33.70
C LEU A 162 3.60 -6.33 -33.48
N ILE A 163 3.89 -6.65 -32.22
CA ILE A 163 5.05 -7.48 -31.89
C ILE A 163 4.62 -8.95 -31.72
N ARG A 164 4.71 -9.72 -32.82
CA ARG A 164 4.12 -11.05 -32.86
C ARG A 164 4.83 -12.07 -31.98
N GLU A 165 6.09 -11.81 -31.65
CA GLU A 165 6.88 -12.72 -30.84
C GLU A 165 6.48 -12.69 -29.38
N LYS A 166 5.72 -11.66 -29.00
CA LYS A 166 5.35 -11.47 -27.60
C LYS A 166 4.28 -12.48 -27.18
N GLU A 167 4.58 -13.24 -26.13
CA GLU A 167 3.61 -14.16 -25.53
C GLU A 167 3.13 -13.58 -24.19
N TYR A 168 1.83 -13.58 -23.97
CA TYR A 168 1.24 -12.98 -22.77
C TYR A 168 0.72 -14.07 -21.82
N TYR A 169 1.28 -14.12 -20.61
CA TYR A 169 0.91 -15.13 -19.62
C TYR A 169 0.27 -14.49 -18.41
N ARG A 170 -0.49 -15.28 -17.65
CA ARG A 170 -1.26 -14.78 -16.53
C ARG A 170 -1.58 -15.89 -15.52
N PHE A 171 -1.45 -15.55 -14.23
CA PHE A 171 -2.11 -16.33 -13.17
C PHE A 171 -3.31 -15.49 -12.71
N GLU A 172 -4.43 -16.14 -12.42
CA GLU A 172 -5.56 -15.39 -11.87
C GLU A 172 -6.47 -16.24 -10.98
N GLY A 173 -7.40 -15.58 -10.29
CA GLY A 173 -8.35 -16.27 -9.44
C GLY A 173 -7.68 -17.35 -8.60
N ASN A 174 -8.21 -18.57 -8.68
CA ASN A 174 -7.69 -19.68 -7.89
C ASN A 174 -6.29 -20.13 -8.28
N GLY A 175 -5.96 -20.04 -9.57
CA GLY A 175 -4.62 -20.34 -10.02
C GLY A 175 -3.64 -19.45 -9.28
N LEU A 176 -3.93 -18.16 -9.26
CA LEU A 176 -3.10 -17.21 -8.53
C LEU A 176 -2.99 -17.55 -7.06
N ASN A 177 -4.10 -17.95 -6.44
CA ASN A 177 -4.15 -18.33 -5.02
C ASN A 177 -3.31 -19.56 -4.70
N LYS A 178 -3.42 -20.59 -5.53
CA LYS A 178 -2.67 -21.81 -5.31
C LYS A 178 -1.17 -21.54 -5.34
N LEU A 179 -0.74 -20.68 -6.26
CA LEU A 179 0.66 -20.32 -6.36
C LEU A 179 1.07 -19.59 -5.10
N ALA A 180 0.29 -18.61 -4.69
CA ALA A 180 0.61 -17.87 -3.47
C ALA A 180 0.71 -18.82 -2.27
N LYS A 181 -0.23 -19.76 -2.17
CA LYS A 181 -0.29 -20.63 -1.00
C LYS A 181 0.89 -21.60 -0.97
N SER A 182 1.47 -21.88 -2.14
CA SER A 182 2.58 -22.81 -2.23
C SER A 182 3.88 -22.21 -1.73
N LEU A 183 3.85 -20.92 -1.39
CA LEU A 183 5.04 -20.28 -0.82
C LEU A 183 5.50 -20.99 0.45
N GLY B 21 18.29 -19.60 9.93
CA GLY B 21 17.45 -19.14 8.84
C GLY B 21 17.59 -19.99 7.59
N SER B 23 19.17 -20.43 3.58
CA SER B 23 20.36 -20.04 2.82
C SER B 23 20.04 -19.01 1.75
N VAL B 24 19.11 -19.33 0.85
CA VAL B 24 18.67 -18.37 -0.16
C VAL B 24 17.53 -17.52 0.39
N GLU B 25 17.79 -16.22 0.55
CA GLU B 25 16.79 -15.29 1.04
C GLU B 25 16.18 -14.49 -0.10
N ILE B 26 14.89 -14.22 0.01
CA ILE B 26 14.24 -13.29 -0.91
C ILE B 26 14.00 -11.99 -0.16
N LYS B 27 14.49 -10.87 -0.71
CA LYS B 27 14.23 -9.60 -0.05
C LYS B 27 14.00 -8.47 -1.04
N ARG B 28 13.35 -7.42 -0.56
CA ARG B 28 13.17 -6.22 -1.34
C ARG B 28 14.51 -5.53 -1.50
N VAL B 29 14.70 -4.88 -2.65
CA VAL B 29 15.88 -4.03 -2.86
C VAL B 29 15.37 -2.60 -2.99
N ASP B 30 15.91 -1.69 -2.20
CA ASP B 30 15.44 -0.30 -2.22
C ASP B 30 16.52 0.62 -2.75
N LYS B 31 16.18 1.88 -2.95
CA LYS B 31 17.09 2.83 -3.58
C LYS B 31 18.44 2.80 -2.89
N HIS B 32 18.43 2.80 -1.57
CA HIS B 32 19.67 2.85 -0.79
C HIS B 32 20.63 1.71 -1.09
N HIS B 33 20.11 0.57 -1.55
CA HIS B 33 20.97 -0.58 -1.81
C HIS B 33 20.97 -1.01 -3.28
N CYS B 34 20.57 -0.10 -4.16
CA CYS B 34 20.36 -0.45 -5.57
C CYS B 34 21.61 -0.93 -6.28
N LEU B 35 22.77 -0.50 -5.80
CA LEU B 35 24.02 -0.90 -6.47
C LEU B 35 24.34 -2.37 -6.22
N ASP B 36 23.62 -2.97 -5.29
CA ASP B 36 23.73 -4.42 -5.06
C ASP B 36 23.29 -5.21 -6.30
N LEU B 37 22.51 -4.57 -7.16
CA LEU B 37 22.04 -5.20 -8.40
C LEU B 37 23.00 -5.10 -9.59
N VAL B 38 24.14 -4.42 -9.42
CA VAL B 38 25.06 -4.20 -10.54
C VAL B 38 25.57 -5.50 -11.16
N GLY B 39 26.01 -6.44 -10.32
CA GLY B 39 26.53 -7.72 -10.78
C GLY B 39 25.52 -8.46 -11.65
N ILE B 40 24.31 -8.67 -11.10
CA ILE B 40 23.26 -9.37 -11.84
C ILE B 40 22.83 -8.61 -13.12
N PHE B 41 22.89 -7.29 -13.10
CA PHE B 41 22.50 -6.52 -14.29
C PHE B 41 23.52 -6.69 -15.42
N ILE B 42 24.80 -6.75 -15.07
CA ILE B 42 25.82 -7.00 -16.08
C ILE B 42 25.51 -8.33 -16.77
N GLU B 43 25.25 -9.34 -15.96
CA GLU B 43 24.88 -10.64 -16.51
C GLU B 43 23.65 -10.56 -17.42
N LEU B 44 22.61 -9.85 -16.98
CA LEU B 44 21.42 -9.64 -17.81
C LEU B 44 21.72 -8.94 -19.15
N GLU B 45 22.46 -7.83 -19.08
CA GLU B 45 22.85 -7.10 -20.28
C GLU B 45 23.61 -8.00 -21.29
N ARG B 46 24.55 -8.79 -20.80
CA ARG B 46 25.25 -9.73 -21.68
C ARG B 46 24.28 -10.72 -22.36
N TYR B 47 23.34 -11.25 -21.59
CA TYR B 47 22.32 -12.17 -22.13
C TYR B 47 21.50 -11.55 -23.27
N TYR B 48 20.89 -10.39 -23.00
CA TYR B 48 19.99 -9.80 -23.97
C TYR B 48 20.72 -9.09 -25.10
N PHE B 49 21.89 -8.54 -24.81
CA PHE B 49 22.51 -7.60 -25.74
C PHE B 49 23.92 -7.96 -26.16
N GLY B 50 24.43 -9.08 -25.65
CA GLY B 50 25.78 -9.53 -25.98
C GLY B 50 26.77 -8.40 -26.09
N ASP B 51 27.45 -8.32 -27.23
CA ASP B 51 28.36 -7.22 -27.56
C ASP B 51 27.92 -5.86 -27.02
N LYS B 52 26.62 -5.57 -27.10
CA LYS B 52 26.11 -4.23 -26.80
C LYS B 52 25.69 -4.04 -25.34
N ALA B 53 26.08 -4.97 -24.47
CA ALA B 53 25.84 -4.84 -23.05
C ALA B 53 26.47 -3.55 -22.52
N ALA B 54 25.80 -2.91 -21.57
CA ALA B 54 26.33 -1.67 -20.96
C ALA B 54 27.49 -1.94 -20.00
N SER B 55 28.33 -0.93 -19.78
CA SER B 55 29.43 -1.01 -18.82
C SER B 55 28.97 -0.93 -17.38
N GLU B 56 29.86 -1.27 -16.46
CA GLU B 56 29.56 -1.19 -15.03
C GLU B 56 29.18 0.21 -14.54
N GLN B 57 29.93 1.22 -14.97
CA GLN B 57 29.65 2.60 -14.59
C GLN B 57 28.28 3.04 -15.11
N ASP B 58 27.91 2.58 -16.30
CA ASP B 58 26.64 2.99 -16.87
C ASP B 58 25.46 2.29 -16.18
N LEU B 59 25.67 1.03 -15.80
CA LEU B 59 24.64 0.27 -15.10
C LEU B 59 24.41 0.86 -13.72
N ALA B 60 25.47 1.36 -13.09
CA ALA B 60 25.34 1.95 -11.76
C ALA B 60 24.50 3.24 -11.82
N ASN B 61 24.70 4.04 -12.86
CA ASN B 61 23.87 5.24 -13.05
C ASN B 61 22.44 4.89 -13.45
N TYR B 62 22.31 3.90 -14.34
CA TYR B 62 20.98 3.39 -14.72
C TYR B 62 20.18 3.00 -13.48
N LEU B 63 20.77 2.16 -12.64
CA LEU B 63 20.14 1.76 -11.38
C LEU B 63 19.80 2.93 -10.46
N SER B 64 20.75 3.84 -10.24
CA SER B 64 20.59 4.90 -9.23
C SER B 64 19.64 6.00 -9.67
N HIS B 65 19.60 6.27 -10.98
CA HIS B 65 18.89 7.43 -11.52
C HIS B 65 17.62 7.08 -12.30
N GLN B 66 17.52 5.85 -12.78
CA GLN B 66 16.35 5.49 -13.58
C GLN B 66 15.53 4.38 -12.94
N VAL B 67 16.14 3.21 -12.73
CA VAL B 67 15.41 2.08 -12.16
C VAL B 67 14.77 2.48 -10.82
N PHE B 68 15.53 3.21 -10.02
CA PHE B 68 15.06 3.73 -8.73
C PHE B 68 14.99 5.25 -8.83
N SER B 69 13.86 5.76 -9.28
CA SER B 69 13.69 7.19 -9.52
C SER B 69 12.24 7.56 -9.21
N GLU B 70 11.92 8.85 -9.26
CA GLU B 70 10.56 9.31 -8.98
C GLU B 70 9.58 8.82 -10.03
N HIS B 71 10.05 8.74 -11.28
CA HIS B 71 9.19 8.30 -12.37
C HIS B 71 9.11 6.78 -12.56
N SER B 72 9.95 6.01 -11.87
CA SER B 72 9.94 4.57 -12.05
C SER B 72 8.69 3.96 -11.43
N GLY B 73 8.06 3.05 -12.15
CA GLY B 73 6.87 2.41 -11.62
C GLY B 73 7.10 1.02 -11.05
N VAL B 74 8.35 0.54 -11.05
CA VAL B 74 8.58 -0.83 -10.57
C VAL B 74 9.20 -0.88 -9.18
N LYS B 75 9.02 -2.02 -8.53
CA LYS B 75 9.78 -2.37 -7.34
C LYS B 75 10.59 -3.60 -7.70
N VAL B 76 11.51 -4.00 -6.82
CA VAL B 76 12.41 -5.12 -7.09
C VAL B 76 12.49 -6.06 -5.89
N ILE B 77 12.36 -7.36 -6.15
CA ILE B 77 12.80 -8.35 -5.14
C ILE B 77 13.94 -9.17 -5.71
N ALA B 78 14.77 -9.70 -4.82
CA ALA B 78 15.96 -10.45 -5.25
C ALA B 78 16.23 -11.65 -4.38
N ALA B 79 16.74 -12.72 -5.00
CA ALA B 79 17.20 -13.89 -4.27
C ALA B 79 18.68 -13.71 -3.97
N VAL B 80 19.03 -13.89 -2.71
CA VAL B 80 20.38 -13.61 -2.27
C VAL B 80 20.93 -14.78 -1.48
N GLU B 81 22.18 -15.12 -1.73
CA GLU B 81 22.89 -16.15 -0.99
C GLU B 81 24.36 -15.78 -0.94
N HIS B 82 24.96 -15.84 0.25
CA HIS B 82 26.36 -15.46 0.43
C HIS B 82 26.63 -14.04 -0.06
N ASP B 83 25.66 -13.15 0.12
CA ASP B 83 25.82 -11.75 -0.25
C ASP B 83 26.02 -11.55 -1.75
N LYS B 84 25.60 -12.53 -2.54
CA LYS B 84 25.55 -12.35 -3.99
C LYS B 84 24.11 -12.54 -4.43
N VAL B 85 23.70 -11.74 -5.42
CA VAL B 85 22.37 -11.81 -5.98
C VAL B 85 22.30 -12.90 -7.04
N LEU B 86 21.40 -13.86 -6.85
CA LEU B 86 21.29 -15.01 -7.73
C LEU B 86 20.21 -14.80 -8.79
N GLY B 87 19.29 -13.89 -8.53
CA GLY B 87 18.19 -13.61 -9.44
C GLY B 87 17.39 -12.44 -8.91
N PHE B 88 16.57 -11.84 -9.76
CA PHE B 88 15.69 -10.77 -9.30
C PHE B 88 14.40 -10.74 -10.12
N ALA B 89 13.39 -10.03 -9.62
CA ALA B 89 12.21 -9.71 -10.41
C ALA B 89 11.81 -8.25 -10.22
N THR B 90 11.41 -7.60 -11.29
CA THR B 90 10.81 -6.27 -11.14
C THR B 90 9.34 -6.38 -11.48
N TYR B 91 8.51 -5.66 -10.74
CA TYR B 91 7.07 -5.81 -10.85
C TYR B 91 6.41 -4.48 -10.53
N THR B 92 5.16 -4.34 -10.93
CA THR B 92 4.38 -3.15 -10.65
C THR B 92 2.90 -3.54 -10.60
N ILE B 93 2.09 -2.66 -10.05
CA ILE B 93 0.66 -2.87 -9.99
C ILE B 93 -0.02 -1.80 -10.82
N PHE B 95 -3.52 -0.09 -12.81
CA PHE B 95 -4.95 0.18 -12.70
C PHE B 95 -5.38 0.88 -13.99
N PRO B 96 -6.67 0.82 -14.34
CA PRO B 96 -7.71 0.07 -13.61
C PRO B 96 -7.69 -1.38 -14.01
N ALA B 97 -8.49 -2.20 -13.36
CA ALA B 97 -8.64 -3.61 -13.70
C ALA B 97 -10.01 -4.03 -13.22
N PRO B 98 -10.51 -5.19 -13.66
CA PRO B 98 -11.89 -5.58 -13.31
C PRO B 98 -12.08 -5.84 -11.82
N LYS B 99 -13.31 -5.70 -11.36
CA LYS B 99 -13.67 -5.95 -9.96
C LYS B 99 -12.96 -5.01 -9.00
N LEU B 100 -12.81 -3.76 -9.41
CA LEU B 100 -12.17 -2.74 -8.58
C LEU B 100 -10.86 -3.26 -7.97
N SER B 101 -10.05 -3.89 -8.79
CA SER B 101 -8.83 -4.46 -8.25
C SER B 101 -7.61 -3.95 -9.02
N GLY B 102 -6.43 -4.35 -8.59
CA GLY B 102 -5.22 -4.02 -9.32
C GLY B 102 -4.79 -5.19 -10.19
N GLN B 103 -3.92 -4.92 -11.17
CA GLN B 103 -3.34 -6.00 -11.98
C GLN B 103 -1.84 -5.97 -11.79
N TYR B 105 1.92 -6.79 -12.69
CA TYR B 105 2.63 -7.08 -13.93
C TYR B 105 4.09 -7.24 -13.61
N LYS B 107 7.67 -7.24 -15.03
CA LYS B 107 8.44 -6.80 -16.19
C LYS B 107 9.56 -7.77 -16.56
N ASP B 108 10.36 -8.15 -15.56
CA ASP B 108 11.42 -9.12 -15.80
C ASP B 108 11.60 -10.11 -14.67
N LEU B 109 11.81 -11.36 -15.05
CA LEU B 109 12.34 -12.37 -14.16
C LEU B 109 13.69 -12.77 -14.74
N PHE B 110 14.75 -12.64 -13.95
CA PHE B 110 16.07 -13.07 -14.42
C PHE B 110 16.83 -13.86 -13.35
N VAL B 111 17.28 -15.05 -13.73
CA VAL B 111 18.10 -15.88 -12.85
C VAL B 111 19.49 -16.17 -13.46
N SER B 112 20.54 -15.98 -12.66
CA SER B 112 21.90 -16.21 -13.10
C SER B 112 22.11 -17.66 -13.53
N SER B 113 22.89 -17.87 -14.60
CA SER B 113 23.15 -19.23 -15.07
C SER B 113 23.85 -20.10 -14.01
N SER B 114 24.62 -19.48 -13.12
CA SER B 114 25.31 -20.20 -12.06
C SER B 114 24.36 -20.67 -10.93
N ALA B 115 23.15 -20.09 -10.89
CA ALA B 115 22.16 -20.45 -9.87
C ALA B 115 21.10 -21.38 -10.44
N ARG B 116 21.39 -22.03 -11.56
CA ARG B 116 20.40 -22.84 -12.25
C ARG B 116 20.06 -24.10 -11.45
N GLY B 117 18.82 -24.54 -11.56
CA GLY B 117 18.36 -25.72 -10.85
C GLY B 117 18.24 -25.53 -9.35
N LYS B 118 18.20 -24.28 -8.88
CA LYS B 118 17.97 -24.02 -7.45
C LYS B 118 16.52 -23.58 -7.22
N GLY B 119 15.72 -23.57 -8.28
CA GLY B 119 14.31 -23.22 -8.18
C GLY B 119 14.08 -21.78 -7.74
N ILE B 120 14.98 -20.90 -8.17
CA ILE B 120 14.92 -19.49 -7.80
C ILE B 120 13.75 -18.78 -8.51
N GLY B 121 13.57 -19.10 -9.79
CA GLY B 121 12.55 -18.47 -10.61
C GLY B 121 11.17 -18.63 -10.01
N LEU B 122 10.82 -19.87 -9.67
CA LEU B 122 9.55 -20.19 -9.04
C LEU B 122 9.43 -19.53 -7.66
N GLN B 123 10.52 -19.54 -6.90
CA GLN B 123 10.54 -18.94 -5.57
C GLN B 123 10.20 -17.46 -5.69
N LEU B 124 10.82 -16.77 -6.63
CA LEU B 124 10.54 -15.35 -6.81
C LEU B 124 9.08 -15.12 -7.16
N LYS B 126 6.45 -17.06 -6.44
CA LYS B 126 5.60 -17.34 -5.29
C LYS B 126 5.45 -16.09 -4.42
N HIS B 127 6.55 -15.38 -4.21
CA HIS B 127 6.55 -14.14 -3.44
C HIS B 127 5.72 -13.07 -4.19
N LEU B 128 5.86 -13.01 -5.51
CA LEU B 128 5.10 -12.06 -6.30
C LEU B 128 3.60 -12.31 -6.16
N ALA B 129 3.22 -13.58 -6.30
CA ALA B 129 1.83 -13.99 -6.15
C ALA B 129 1.26 -13.60 -4.79
N THR B 130 2.06 -13.74 -3.74
CA THR B 130 1.63 -13.43 -2.37
C THR B 130 1.44 -11.94 -2.17
N ILE B 131 2.40 -11.16 -2.69
CA ILE B 131 2.24 -9.72 -2.73
C ILE B 131 0.96 -9.35 -3.47
N ALA B 132 0.71 -10.02 -4.60
CA ALA B 132 -0.44 -9.70 -5.43
C ALA B 132 -1.77 -9.84 -4.68
N ILE B 133 -1.99 -10.99 -4.06
CA ILE B 133 -3.27 -11.24 -3.39
C ILE B 133 -3.43 -10.51 -2.06
N THR B 134 -2.36 -9.96 -1.51
CA THR B 134 -2.47 -9.21 -0.26
C THR B 134 -2.56 -7.72 -0.55
N HIS B 135 -2.50 -7.37 -1.83
CA HIS B 135 -2.55 -5.96 -2.28
C HIS B 135 -3.67 -5.77 -3.29
N ASN B 136 -4.75 -6.50 -3.11
CA ASN B 136 -5.94 -6.38 -3.93
C ASN B 136 -5.75 -6.60 -5.44
N CYS B 137 -4.82 -7.49 -5.81
CA CYS B 137 -4.72 -7.92 -7.20
C CYS B 137 -5.30 -9.32 -7.36
N GLN B 138 -5.99 -9.55 -8.47
CA GLN B 138 -6.50 -10.88 -8.79
C GLN B 138 -5.80 -11.46 -10.01
N ARG B 139 -4.90 -10.68 -10.61
CA ARG B 139 -4.09 -11.17 -11.72
C ARG B 139 -2.63 -10.85 -11.53
N LEU B 140 -1.78 -11.75 -12.00
CA LEU B 140 -0.35 -11.52 -12.17
C LEU B 140 -0.03 -11.82 -13.63
N ASP B 141 0.43 -10.80 -14.36
CA ASP B 141 0.64 -10.92 -15.79
C ASP B 141 2.09 -10.65 -16.12
N TRP B 142 2.53 -11.19 -17.26
CA TRP B 142 3.84 -10.89 -17.82
C TRP B 142 3.90 -11.41 -19.26
N THR B 143 5.00 -11.11 -19.94
CA THR B 143 5.24 -11.63 -21.29
C THR B 143 6.50 -12.48 -21.38
N ALA B 144 6.53 -13.35 -22.40
CA ALA B 144 7.75 -14.06 -22.77
C ALA B 144 7.96 -13.95 -24.27
N GLU B 145 9.12 -14.39 -24.75
CA GLU B 145 9.45 -14.36 -26.17
C GLU B 145 9.23 -15.72 -26.81
N SER B 146 8.60 -15.72 -27.98
CA SER B 146 8.43 -16.95 -28.74
C SER B 146 9.79 -17.53 -29.16
N THR B 147 10.76 -16.65 -29.39
CA THR B 147 12.13 -17.07 -29.68
C THR B 147 12.83 -17.71 -28.47
N ASN B 148 12.17 -17.71 -27.32
CA ASN B 148 12.75 -18.31 -26.13
C ASN B 148 11.81 -19.38 -25.56
N PRO B 149 11.55 -20.43 -26.34
CA PRO B 149 10.55 -21.47 -26.07
C PRO B 149 10.63 -22.00 -24.64
N THR B 150 11.84 -21.99 -24.08
CA THR B 150 12.10 -22.58 -22.78
C THR B 150 11.32 -21.83 -21.68
N ALA B 151 11.22 -20.52 -21.85
CA ALA B 151 10.50 -19.71 -20.90
C ALA B 151 9.02 -20.10 -20.94
N GLY B 152 8.47 -20.26 -22.14
CA GLY B 152 7.08 -20.65 -22.30
C GLY B 152 6.75 -21.95 -21.59
N LYS B 153 7.62 -22.95 -21.77
CA LYS B 153 7.43 -24.26 -21.15
C LYS B 153 7.50 -24.17 -19.63
N PHE B 154 8.51 -23.43 -19.14
CA PHE B 154 8.64 -23.20 -17.71
C PHE B 154 7.35 -22.61 -17.14
N TYR B 155 6.89 -21.51 -17.72
CA TYR B 155 5.67 -20.85 -17.23
C TYR B 155 4.45 -21.77 -17.25
N LYS B 156 4.25 -22.50 -18.35
CA LYS B 156 3.09 -23.37 -18.45
C LYS B 156 3.22 -24.48 -17.41
N SER B 157 4.46 -24.88 -17.14
CA SER B 157 4.73 -25.99 -16.23
C SER B 157 4.38 -25.65 -14.79
N ILE B 158 4.46 -24.37 -14.43
CA ILE B 158 4.10 -23.98 -13.07
C ILE B 158 2.62 -23.63 -13.00
N GLY B 159 1.93 -23.78 -14.12
CA GLY B 159 0.49 -23.63 -14.15
C GLY B 159 -0.02 -22.29 -14.68
N ALA B 160 0.86 -21.54 -15.35
CA ALA B 160 0.47 -20.28 -15.98
C ALA B 160 -0.39 -20.51 -17.23
N SER B 161 -1.30 -19.59 -17.52
CA SER B 161 -2.09 -19.62 -18.75
C SER B 161 -1.57 -18.67 -19.84
N LEU B 162 -1.62 -19.13 -21.09
CA LEU B 162 -1.29 -18.29 -22.24
C LEU B 162 -2.56 -17.57 -22.71
N ILE B 163 -2.51 -16.24 -22.77
CA ILE B 163 -3.65 -15.46 -23.23
C ILE B 163 -3.49 -15.13 -24.71
N ARG B 164 -4.03 -16.00 -25.56
CA ARG B 164 -3.81 -15.91 -27.00
C ARG B 164 -4.53 -14.72 -27.65
N GLU B 165 -5.53 -14.17 -26.97
CA GLU B 165 -6.27 -13.03 -27.51
C GLU B 165 -5.52 -11.69 -27.44
N LYS B 166 -4.57 -11.58 -26.51
CA LYS B 166 -3.80 -10.35 -26.33
C LYS B 166 -2.91 -10.08 -27.53
N GLU B 167 -2.93 -8.83 -28.01
CA GLU B 167 -2.06 -8.38 -29.08
C GLU B 167 -1.15 -7.28 -28.53
N TYR B 168 0.15 -7.42 -28.77
CA TYR B 168 1.15 -6.52 -28.19
C TYR B 168 1.60 -5.48 -29.21
N TYR B 169 1.40 -4.21 -28.88
CA TYR B 169 1.74 -3.14 -29.82
C TYR B 169 2.86 -2.27 -29.29
N ARG B 170 3.54 -1.55 -30.18
CA ARG B 170 4.68 -0.74 -29.77
C ARG B 170 5.00 0.42 -30.70
N PHE B 171 5.35 1.56 -30.10
CA PHE B 171 6.10 2.60 -30.78
C PHE B 171 7.50 2.62 -30.15
N GLU B 172 8.53 2.86 -30.97
CA GLU B 172 9.87 3.04 -30.44
C GLU B 172 10.70 3.97 -31.29
N GLY B 173 11.86 4.35 -30.76
CA GLY B 173 12.79 5.23 -31.44
C GLY B 173 12.11 6.32 -32.24
N ASN B 174 12.40 6.34 -33.54
CA ASN B 174 11.91 7.39 -34.42
C ASN B 174 10.39 7.47 -34.50
N GLY B 175 9.72 6.32 -34.59
CA GLY B 175 8.27 6.32 -34.62
C GLY B 175 7.69 6.97 -33.38
N LEU B 176 8.33 6.75 -32.25
CA LEU B 176 7.93 7.35 -30.99
C LEU B 176 8.11 8.87 -31.03
N ASN B 177 9.23 9.32 -31.60
CA ASN B 177 9.51 10.75 -31.75
C ASN B 177 8.54 11.42 -32.71
N LYS B 178 8.25 10.73 -33.82
CA LYS B 178 7.28 11.25 -34.78
C LYS B 178 5.92 11.42 -34.11
N LEU B 179 5.48 10.39 -33.39
CA LEU B 179 4.21 10.44 -32.68
C LEU B 179 4.16 11.64 -31.72
N ALA B 180 5.26 11.88 -31.01
CA ALA B 180 5.30 12.96 -30.03
C ALA B 180 5.33 14.35 -30.67
N LYS B 181 5.99 14.48 -31.82
CA LYS B 181 6.11 15.77 -32.48
C LYS B 181 4.85 16.13 -33.27
N SER B 182 4.68 15.49 -34.43
CA SER B 182 3.50 15.68 -35.27
C SER B 182 2.67 16.92 -34.94
N SER C 23 -24.41 15.86 -2.64
CA SER C 23 -23.32 16.77 -2.95
C SER C 23 -22.15 16.59 -1.96
N VAL C 24 -22.27 15.59 -1.10
CA VAL C 24 -21.22 15.28 -0.13
C VAL C 24 -20.21 14.25 -0.66
N GLU C 25 -18.96 14.69 -0.82
CA GLU C 25 -17.88 13.80 -1.24
C GLU C 25 -17.08 13.32 -0.04
N ILE C 26 -16.61 12.08 -0.09
CA ILE C 26 -15.64 11.61 0.89
C ILE C 26 -14.28 11.59 0.20
N LYS C 27 -13.28 12.25 0.77
CA LYS C 27 -11.98 12.30 0.11
C LYS C 27 -10.84 12.18 1.10
N ARG C 28 -9.64 11.88 0.58
CA ARG C 28 -8.48 11.82 1.45
C ARG C 28 -8.03 13.25 1.74
N VAL C 29 -7.50 13.52 2.92
CA VAL C 29 -6.80 14.78 3.14
C VAL C 29 -5.30 14.51 3.27
N ASP C 30 -4.52 15.13 2.39
CA ASP C 30 -3.06 14.97 2.38
C ASP C 30 -2.38 16.19 3.00
N LYS C 31 -1.06 16.06 3.22
CA LYS C 31 -0.32 17.09 3.93
C LYS C 31 -0.45 18.46 3.26
N HIS C 32 -0.42 18.48 1.94
CA HIS C 32 -0.49 19.76 1.25
C HIS C 32 -1.79 20.53 1.47
N HIS C 33 -2.86 19.82 1.86
CA HIS C 33 -4.14 20.45 2.12
C HIS C 33 -4.58 20.30 3.58
N CYS C 34 -3.63 20.14 4.47
CA CYS C 34 -3.97 19.79 5.84
C CYS C 34 -4.67 20.92 6.57
N LEU C 35 -4.39 22.17 6.17
CA LEU C 35 -5.08 23.31 6.78
C LEU C 35 -6.59 23.34 6.46
N ASP C 36 -7.06 22.49 5.55
CA ASP C 36 -8.51 22.39 5.28
C ASP C 36 -9.27 21.88 6.50
N LEU C 37 -8.52 21.30 7.44
CA LEU C 37 -9.09 20.65 8.61
C LEU C 37 -9.19 21.59 9.79
N VAL C 38 -8.70 22.81 9.62
CA VAL C 38 -8.65 23.74 10.75
C VAL C 38 -10.04 24.01 11.33
N GLY C 39 -11.00 24.31 10.46
CA GLY C 39 -12.38 24.55 10.88
C GLY C 39 -13.00 23.41 11.68
N ILE C 40 -12.87 22.18 11.21
CA ILE C 40 -13.46 21.04 11.89
C ILE C 40 -12.69 20.66 13.16
N PHE C 41 -11.40 20.98 13.20
CA PHE C 41 -10.64 20.76 14.42
C PHE C 41 -11.01 21.77 15.50
N ILE C 42 -11.23 23.02 15.09
CA ILE C 42 -11.71 24.03 16.02
C ILE C 42 -13.04 23.58 16.61
N GLU C 43 -13.90 22.98 15.80
CA GLU C 43 -15.16 22.46 16.32
C GLU C 43 -14.93 21.29 17.26
N LEU C 44 -14.07 20.36 16.86
CA LEU C 44 -13.80 19.22 17.72
C LEU C 44 -13.20 19.65 19.08
N GLU C 45 -12.39 20.71 19.07
CA GLU C 45 -11.76 21.19 20.30
C GLU C 45 -12.78 21.75 21.28
N ARG C 46 -13.73 22.53 20.77
CA ARG C 46 -14.80 23.05 21.61
C ARG C 46 -15.63 21.91 22.20
N TYR C 47 -15.91 20.92 21.38
CA TYR C 47 -16.77 19.82 21.77
C TYR C 47 -16.20 19.02 22.94
N TYR C 48 -14.88 18.92 23.02
CA TYR C 48 -14.28 18.11 24.07
C TYR C 48 -13.69 18.93 25.22
N PHE C 49 -13.35 20.19 24.94
CA PHE C 49 -12.61 20.98 25.91
C PHE C 49 -13.21 22.35 26.18
N GLY C 50 -14.35 22.63 25.53
CA GLY C 50 -15.00 23.92 25.66
C GLY C 50 -14.08 25.13 25.63
N ASP C 51 -13.82 25.69 26.80
CA ASP C 51 -13.03 26.92 26.92
C ASP C 51 -11.53 26.65 26.88
N LYS C 52 -11.14 25.43 27.21
CA LYS C 52 -9.75 25.00 27.06
C LYS C 52 -9.43 24.63 25.62
N ALA C 53 -10.32 25.00 24.70
CA ALA C 53 -10.12 24.76 23.28
C ALA C 53 -8.91 25.53 22.78
N ALA C 54 -8.14 24.89 21.90
CA ALA C 54 -6.95 25.52 21.32
C ALA C 54 -7.34 26.57 20.28
N SER C 55 -6.50 27.58 20.14
CA SER C 55 -6.73 28.62 19.15
C SER C 55 -6.54 28.10 17.74
N GLU C 56 -6.95 28.90 16.78
CA GLU C 56 -6.81 28.57 15.37
C GLU C 56 -5.34 28.44 14.98
N GLN C 57 -4.52 29.34 15.52
CA GLN C 57 -3.11 29.34 15.21
C GLN C 57 -2.49 28.05 15.70
N ASP C 58 -2.82 27.66 16.93
CA ASP C 58 -2.28 26.42 17.50
C ASP C 58 -2.69 25.21 16.67
N LEU C 59 -3.95 25.19 16.21
CA LEU C 59 -4.44 24.07 15.43
C LEU C 59 -3.78 23.95 14.05
N ALA C 60 -3.52 25.09 13.41
CA ALA C 60 -2.80 25.06 12.14
C ALA C 60 -1.39 24.45 12.33
N ASN C 61 -0.71 24.87 13.39
CA ASN C 61 0.61 24.34 13.74
C ASN C 61 0.54 22.83 14.06
N TYR C 62 -0.44 22.44 14.85
CA TYR C 62 -0.69 21.04 15.19
C TYR C 62 -0.88 20.18 13.94
N LEU C 63 -1.71 20.68 13.02
CA LEU C 63 -1.99 19.97 11.78
C LEU C 63 -0.73 19.89 10.93
N SER C 64 -0.03 21.01 10.82
CA SER C 64 1.12 21.10 9.92
C SER C 64 2.36 20.37 10.43
N HIS C 65 2.52 20.29 11.75
CA HIS C 65 3.78 19.81 12.32
C HIS C 65 3.63 18.47 13.06
N GLN C 66 2.41 18.08 13.39
CA GLN C 66 2.21 16.85 14.14
C GLN C 66 1.30 15.84 13.43
N VAL C 67 0.07 16.24 13.16
CA VAL C 67 -0.91 15.32 12.57
C VAL C 67 -0.41 14.80 11.23
N PHE C 68 0.18 15.72 10.48
CA PHE C 68 0.84 15.34 9.25
C PHE C 68 2.32 15.55 9.52
N SER C 69 3.02 14.45 9.78
CA SER C 69 4.43 14.52 10.13
C SER C 69 5.06 13.17 9.86
N GLU C 70 6.39 13.13 9.76
CA GLU C 70 7.10 11.89 9.52
C GLU C 70 6.79 10.84 10.58
N HIS C 71 6.61 11.27 11.83
CA HIS C 71 6.29 10.35 12.90
C HIS C 71 4.80 10.05 13.06
N SER C 72 3.93 10.68 12.29
CA SER C 72 2.50 10.40 12.44
C SER C 72 2.15 9.04 11.85
N GLY C 73 1.38 8.24 12.55
CA GLY C 73 0.96 6.98 12.00
C GLY C 73 -0.44 6.96 11.39
N VAL C 74 -1.13 8.10 11.36
CA VAL C 74 -2.49 8.13 10.82
C VAL C 74 -2.64 8.78 9.45
N LYS C 75 -3.67 8.35 8.74
CA LYS C 75 -4.16 9.04 7.55
C LYS C 75 -5.53 9.63 7.87
N VAL C 76 -6.06 10.43 6.97
CA VAL C 76 -7.30 11.13 7.20
C VAL C 76 -8.19 11.10 5.96
N ILE C 77 -9.47 10.75 6.14
CA ILE C 77 -10.47 10.96 5.13
C ILE C 77 -11.51 11.93 5.71
N ALA C 78 -12.14 12.72 4.85
CA ALA C 78 -13.06 13.76 5.26
C ALA C 78 -14.28 13.79 4.34
N ALA C 79 -15.41 14.23 4.89
CA ALA C 79 -16.62 14.52 4.11
C ALA C 79 -16.66 16.02 3.87
N VAL C 80 -16.80 16.39 2.61
CA VAL C 80 -16.65 17.76 2.20
C VAL C 80 -17.83 18.12 1.31
N GLU C 81 -18.36 19.32 1.49
CA GLU C 81 -19.52 19.80 0.73
C GLU C 81 -19.38 21.31 0.60
N HIS C 82 -19.37 21.78 -0.64
CA HIS C 82 -19.17 23.20 -0.93
C HIS C 82 -17.89 23.72 -0.28
N ASP C 83 -16.83 22.92 -0.37
CA ASP C 83 -15.53 23.28 0.20
C ASP C 83 -15.53 23.49 1.72
N LYS C 84 -16.53 22.93 2.40
CA LYS C 84 -16.55 22.90 3.86
C LYS C 84 -16.43 21.46 4.32
N VAL C 85 -15.57 21.21 5.30
CA VAL C 85 -15.44 19.88 5.86
C VAL C 85 -16.56 19.64 6.86
N LEU C 86 -17.35 18.61 6.62
CA LEU C 86 -18.47 18.25 7.47
C LEU C 86 -18.10 17.23 8.53
N GLY C 87 -17.05 16.47 8.28
CA GLY C 87 -16.66 15.39 9.18
C GLY C 87 -15.37 14.73 8.75
N PHE C 88 -14.74 13.99 9.65
CA PHE C 88 -13.50 13.29 9.31
C PHE C 88 -13.29 12.05 10.13
N ALA C 89 -12.39 11.21 9.66
CA ALA C 89 -11.92 10.07 10.45
C ALA C 89 -10.42 9.95 10.25
N THR C 90 -9.70 9.68 11.34
CA THR C 90 -8.28 9.37 11.26
C THR C 90 -8.13 7.88 11.51
N TYR C 91 -7.23 7.24 10.76
CA TYR C 91 -7.09 5.79 10.89
C TYR C 91 -5.64 5.39 10.59
N THR C 92 -5.28 4.20 11.04
CA THR C 92 -3.95 3.67 10.85
C THR C 92 -4.09 2.16 10.70
N ILE C 93 -3.05 1.52 10.19
CA ILE C 93 -3.07 0.06 10.06
C ILE C 93 -1.91 -0.50 10.84
N PHE C 95 0.35 -3.64 12.84
CA PHE C 95 0.90 -4.98 12.71
C PHE C 95 1.66 -5.28 14.00
N PRO C 96 1.86 -6.58 14.31
CA PRO C 96 1.30 -7.72 13.58
C PRO C 96 -0.12 -8.01 14.03
N ALA C 97 -0.76 -8.98 13.39
CA ALA C 97 -2.10 -9.42 13.75
C ALA C 97 -2.22 -10.81 13.17
N PRO C 98 -3.19 -11.60 13.64
CA PRO C 98 -3.37 -13.00 13.21
C PRO C 98 -3.53 -13.16 11.71
N LYS C 99 -3.20 -14.34 11.20
CA LYS C 99 -3.44 -14.65 9.80
C LYS C 99 -2.64 -13.77 8.85
N LEU C 100 -1.41 -13.43 9.25
CA LEU C 100 -0.51 -12.66 8.38
C LEU C 100 -1.23 -11.47 7.75
N SER C 101 -1.96 -10.73 8.59
CA SER C 101 -2.73 -9.61 8.10
C SER C 101 -2.53 -8.36 8.96
N GLY C 102 -3.17 -7.28 8.56
CA GLY C 102 -3.07 -6.04 9.31
C GLY C 102 -4.29 -5.85 10.19
N GLN C 103 -4.22 -4.94 11.14
CA GLN C 103 -5.39 -4.58 11.93
C GLN C 103 -5.61 -3.09 11.79
N TYR C 105 -7.14 0.46 12.75
CA TYR C 105 -7.61 1.15 13.94
C TYR C 105 -8.06 2.57 13.62
N LYS C 107 -8.82 6.08 15.03
CA LYS C 107 -8.51 6.88 16.22
C LYS C 107 -9.68 7.78 16.57
N ASP C 108 -10.14 8.56 15.61
CA ASP C 108 -11.29 9.43 15.81
C ASP C 108 -12.26 9.46 14.64
N LEU C 109 -13.55 9.55 14.98
CA LEU C 109 -14.61 9.81 14.05
C LEU C 109 -15.37 11.05 14.55
N PHE C 110 -15.46 12.09 13.73
CA PHE C 110 -16.11 13.33 14.15
C PHE C 110 -16.99 13.87 13.04
N VAL C 111 -18.23 14.16 13.39
CA VAL C 111 -19.15 14.82 12.47
C VAL C 111 -19.69 16.10 13.06
N SER C 112 -19.57 17.18 12.31
CA SER C 112 -20.00 18.50 12.76
C SER C 112 -21.48 18.53 13.16
N SER C 113 -21.79 19.31 14.19
CA SER C 113 -23.17 19.48 14.63
C SER C 113 -24.01 20.07 13.50
N SER C 114 -23.36 20.76 12.56
CA SER C 114 -24.08 21.40 11.45
C SER C 114 -24.29 20.43 10.27
N ALA C 115 -23.92 19.18 10.46
CA ALA C 115 -24.06 18.20 9.38
C ALA C 115 -24.68 16.90 9.86
N ARG C 116 -25.37 16.94 10.99
CA ARG C 116 -25.99 15.75 11.54
C ARG C 116 -27.19 15.33 10.69
N GLY C 117 -27.50 14.03 10.69
CA GLY C 117 -28.67 13.52 9.98
C GLY C 117 -28.43 13.18 8.51
N LYS C 118 -27.19 13.34 8.05
CA LYS C 118 -26.88 13.00 6.67
C LYS C 118 -26.15 11.67 6.54
N GLY C 119 -26.13 10.90 7.63
CA GLY C 119 -25.46 9.60 7.66
C GLY C 119 -23.97 9.67 7.36
N ILE C 120 -23.33 10.78 7.69
CA ILE C 120 -21.93 10.95 7.34
C ILE C 120 -20.97 10.05 8.14
N GLY C 121 -21.22 9.91 9.43
CA GLY C 121 -20.41 9.04 10.28
C GLY C 121 -20.33 7.64 9.73
N LEU C 122 -21.49 7.04 9.48
CA LEU C 122 -21.57 5.73 8.86
C LEU C 122 -20.91 5.64 7.48
N GLN C 123 -21.10 6.64 6.62
CA GLN C 123 -20.43 6.65 5.32
C GLN C 123 -18.88 6.63 5.45
N LEU C 124 -18.35 7.42 6.37
CA LEU C 124 -16.91 7.41 6.65
C LEU C 124 -16.47 6.01 7.08
N LYS C 126 -18.04 3.08 6.28
CA LYS C 126 -18.08 2.26 5.06
C LYS C 126 -16.79 2.37 4.23
N HIS C 127 -16.27 3.58 4.10
CA HIS C 127 -15.01 3.79 3.39
C HIS C 127 -13.81 3.09 4.07
N LEU C 128 -13.68 3.29 5.39
CA LEU C 128 -12.62 2.66 6.17
C LEU C 128 -12.66 1.15 6.01
N ALA C 129 -13.86 0.56 6.16
CA ALA C 129 -14.05 -0.87 6.03
C ALA C 129 -13.54 -1.32 4.67
N THR C 130 -13.82 -0.52 3.66
CA THR C 130 -13.39 -0.87 2.31
C THR C 130 -11.87 -0.80 2.19
N ILE C 131 -11.24 0.20 2.80
CA ILE C 131 -9.78 0.30 2.81
C ILE C 131 -9.17 -0.89 3.55
N ALA C 132 -9.72 -1.23 4.70
CA ALA C 132 -9.27 -2.40 5.45
C ALA C 132 -9.26 -3.70 4.63
N ILE C 133 -10.36 -4.02 3.95
CA ILE C 133 -10.40 -5.30 3.27
C ILE C 133 -9.59 -5.31 1.96
N THR C 134 -9.33 -4.14 1.39
CA THR C 134 -8.53 -4.11 0.20
C THR C 134 -7.03 -4.02 0.54
N HIS C 135 -6.72 -3.85 1.81
CA HIS C 135 -5.33 -3.75 2.26
C HIS C 135 -5.02 -4.85 3.26
N ASN C 136 -5.55 -6.04 3.01
CA ASN C 136 -5.24 -7.23 3.79
C ASN C 136 -5.50 -7.10 5.30
N CYS C 137 -6.52 -6.31 5.67
CA CYS C 137 -6.99 -6.29 7.06
C CYS C 137 -8.26 -7.14 7.25
N GLN C 138 -8.30 -7.90 8.35
CA GLN C 138 -9.47 -8.70 8.70
C GLN C 138 -10.22 -8.04 9.85
N ARG C 139 -9.67 -6.94 10.38
CA ARG C 139 -10.32 -6.21 11.47
C ARG C 139 -10.28 -4.70 11.31
N LEU C 140 -11.34 -4.07 11.80
CA LEU C 140 -11.41 -2.63 12.00
C LEU C 140 -11.80 -2.43 13.48
N ASP C 141 -10.89 -1.85 14.26
CA ASP C 141 -11.09 -1.69 15.69
C ASP C 141 -11.10 -0.20 16.05
N TRP C 142 -11.67 0.11 17.21
CA TRP C 142 -11.68 1.47 17.74
C TRP C 142 -12.22 1.48 19.15
N THR C 143 -12.10 2.62 19.83
CA THR C 143 -12.68 2.73 21.18
C THR C 143 -13.74 3.82 21.31
N ALA C 144 -14.59 3.65 22.31
CA ALA C 144 -15.55 4.68 22.72
C ALA C 144 -15.47 4.82 24.24
N GLU C 145 -16.09 5.88 24.76
CA GLU C 145 -16.18 6.14 26.19
C GLU C 145 -17.53 5.71 26.75
N SER C 146 -17.51 4.97 27.85
CA SER C 146 -18.76 4.55 28.50
C SER C 146 -19.53 5.75 29.04
N THR C 147 -18.87 6.90 29.12
CA THR C 147 -19.53 8.12 29.57
C THR C 147 -20.18 8.84 28.39
N ASN C 148 -20.07 8.24 27.21
CA ASN C 148 -20.70 8.75 26.00
C ASN C 148 -21.56 7.64 25.41
N PRO C 149 -22.63 7.26 26.12
CA PRO C 149 -23.47 6.10 25.81
C PRO C 149 -24.02 6.10 24.39
N THR C 150 -24.28 7.27 23.81
CA THR C 150 -24.91 7.29 22.50
C THR C 150 -23.96 6.79 21.41
N ALA C 151 -22.65 6.92 21.63
CA ALA C 151 -21.69 6.45 20.66
C ALA C 151 -21.76 4.93 20.61
N GLY C 152 -21.74 4.29 21.78
CA GLY C 152 -21.79 2.84 21.84
C GLY C 152 -23.06 2.29 21.22
N LYS C 153 -24.16 3.00 21.44
CA LYS C 153 -25.43 2.58 20.85
C LYS C 153 -25.35 2.64 19.33
N PHE C 154 -24.82 3.74 18.80
CA PHE C 154 -24.65 3.87 17.36
C PHE C 154 -23.80 2.70 16.84
N TYR C 155 -22.67 2.43 17.49
CA TYR C 155 -21.79 1.35 17.06
C TYR C 155 -22.41 -0.04 17.06
N LYS C 156 -23.10 -0.40 18.16
CA LYS C 156 -23.82 -1.67 18.20
C LYS C 156 -24.85 -1.73 17.09
N SER C 157 -25.56 -0.62 16.87
CA SER C 157 -26.63 -0.58 15.88
C SER C 157 -26.15 -0.76 14.42
N ILE C 158 -24.88 -0.53 14.14
CA ILE C 158 -24.39 -0.78 12.79
C ILE C 158 -23.71 -2.15 12.68
N GLY C 159 -23.77 -2.94 13.74
CA GLY C 159 -23.29 -4.32 13.70
C GLY C 159 -21.94 -4.58 14.36
N ALA C 160 -21.40 -3.59 15.07
CA ALA C 160 -20.09 -3.75 15.70
C ALA C 160 -20.21 -4.62 16.95
N SER C 161 -19.16 -5.37 17.27
CA SER C 161 -19.11 -6.15 18.50
C SER C 161 -18.30 -5.43 19.58
N LEU C 162 -18.81 -5.41 20.80
CA LEU C 162 -18.04 -4.90 21.92
C LEU C 162 -17.12 -6.03 22.42
N ILE C 163 -15.82 -5.75 22.50
CA ILE C 163 -14.87 -6.77 22.94
C ILE C 163 -14.59 -6.64 24.44
N ARG C 164 -15.41 -7.31 25.25
CA ARG C 164 -15.38 -7.09 26.69
C ARG C 164 -14.07 -7.56 27.36
N GLU C 165 -13.39 -8.53 26.76
CA GLU C 165 -12.14 -9.04 27.32
C GLU C 165 -10.97 -8.07 27.17
N LYS C 166 -11.16 -7.02 26.38
CA LYS C 166 -10.10 -6.04 26.15
C LYS C 166 -9.91 -5.13 27.35
N GLU C 167 -8.67 -5.03 27.84
CA GLU C 167 -8.36 -4.12 28.93
C GLU C 167 -7.45 -3.01 28.42
N TYR C 168 -7.81 -1.76 28.72
CA TYR C 168 -7.11 -0.59 28.18
C TYR C 168 -6.18 0.05 29.22
N TYR C 169 -4.88 0.04 28.95
CA TYR C 169 -3.88 0.56 29.88
C TYR C 169 -3.22 1.82 29.36
N ARG C 170 -2.63 2.60 30.27
CA ARG C 170 -2.13 3.93 29.94
C ARG C 170 -1.07 4.45 30.91
N PHE C 171 0.02 4.98 30.33
CA PHE C 171 0.94 5.84 31.05
C PHE C 171 0.72 7.25 30.51
N GLU C 172 0.65 8.25 31.39
CA GLU C 172 0.51 9.64 30.95
C GLU C 172 1.23 10.62 31.86
N GLY C 173 1.52 11.80 31.32
CA GLY C 173 2.10 12.88 32.08
C GLY C 173 3.31 12.48 32.89
N ASN C 174 3.20 12.61 34.21
CA ASN C 174 4.33 12.33 35.07
C ASN C 174 4.72 10.86 35.04
N GLY C 175 3.72 9.98 35.15
CA GLY C 175 3.98 8.56 35.09
C GLY C 175 4.74 8.22 33.82
N LEU C 176 4.44 8.93 32.75
CA LEU C 176 5.11 8.71 31.48
C LEU C 176 6.54 9.21 31.56
N ASN C 177 6.70 10.41 32.10
CA ASN C 177 8.03 10.98 32.27
C ASN C 177 8.90 10.12 33.18
N LYS C 178 8.31 9.54 34.21
CA LYS C 178 9.05 8.69 35.14
C LYS C 178 9.49 7.37 34.49
N LEU C 179 8.56 6.72 33.81
CA LEU C 179 8.87 5.48 33.09
C LEU C 179 10.06 5.66 32.15
N ALA C 180 10.09 6.77 31.43
CA ALA C 180 11.19 7.01 30.49
C ALA C 180 12.48 7.36 31.22
N LYS C 181 12.35 8.08 32.33
CA LYS C 181 13.51 8.61 33.03
C LYS C 181 14.21 7.57 33.91
N SER C 182 13.43 6.73 34.60
CA SER C 182 13.99 5.75 35.52
C SER C 182 15.04 4.84 34.88
N VAL D 24 22.21 -5.93 26.55
CA VAL D 24 20.95 -5.75 25.82
C VAL D 24 20.75 -4.33 25.31
N GLU D 25 20.74 -4.16 24.00
CA GLU D 25 20.56 -2.86 23.37
C GLU D 25 19.17 -2.78 22.70
N ILE D 26 18.50 -1.65 22.83
CA ILE D 26 17.19 -1.47 22.18
C ILE D 26 17.33 -0.46 21.06
N LYS D 27 16.85 -0.83 19.88
CA LYS D 27 16.90 0.07 18.75
C LYS D 27 15.83 -0.26 17.72
N ARG D 28 15.53 0.71 16.87
CA ARG D 28 14.51 0.53 15.85
C ARG D 28 15.05 -0.33 14.71
N VAL D 29 14.21 -1.25 14.21
CA VAL D 29 14.54 -2.02 13.02
C VAL D 29 14.01 -1.32 11.76
N ASP D 30 14.88 -0.96 10.83
CA ASP D 30 14.40 -0.33 9.60
C ASP D 30 14.18 -1.37 8.52
N LYS D 31 13.63 -0.95 7.39
CA LYS D 31 13.17 -1.88 6.37
C LYS D 31 14.31 -2.73 5.84
N HIS D 32 15.50 -2.14 5.78
CA HIS D 32 16.64 -2.86 5.23
C HIS D 32 17.04 -4.03 6.13
N HIS D 33 16.51 -4.06 7.35
CA HIS D 33 16.86 -5.13 8.28
C HIS D 33 15.63 -5.91 8.77
N CYS D 34 14.49 -5.75 8.10
CA CYS D 34 13.22 -6.31 8.61
C CYS D 34 13.31 -7.82 8.77
N LEU D 35 14.14 -8.46 7.96
CA LEU D 35 14.30 -9.92 8.07
C LEU D 35 15.04 -10.39 9.34
N ASP D 36 15.60 -9.45 10.10
CA ASP D 36 16.18 -9.80 11.39
C ASP D 36 15.10 -10.26 12.36
N LEU D 37 13.85 -9.97 12.02
CA LEU D 37 12.74 -10.23 12.92
C LEU D 37 12.06 -11.56 12.65
N VAL D 38 12.53 -12.28 11.63
CA VAL D 38 11.90 -13.54 11.26
C VAL D 38 11.91 -14.50 12.45
N GLY D 39 13.09 -14.70 13.03
CA GLY D 39 13.26 -15.59 14.17
C GLY D 39 12.23 -15.33 15.25
N ILE D 40 12.17 -14.10 15.73
CA ILE D 40 11.28 -13.76 16.83
C ILE D 40 9.83 -13.84 16.38
N PHE D 41 9.57 -13.64 15.10
CA PHE D 41 8.20 -13.69 14.63
C PHE D 41 7.71 -15.14 14.56
N ILE D 42 8.58 -16.03 14.12
CA ILE D 42 8.32 -17.45 14.18
C ILE D 42 7.93 -17.86 15.60
N GLU D 43 8.69 -17.40 16.59
CA GLU D 43 8.41 -17.78 17.97
C GLU D 43 7.06 -17.25 18.40
N LEU D 44 6.78 -16.01 18.04
CA LEU D 44 5.48 -15.42 18.35
C LEU D 44 4.33 -16.21 17.76
N GLU D 45 4.49 -16.69 16.54
CA GLU D 45 3.45 -17.46 15.86
C GLU D 45 3.19 -18.80 16.54
N ARG D 46 4.25 -19.48 16.91
CA ARG D 46 4.10 -20.77 17.60
C ARG D 46 3.35 -20.52 18.88
N TYR D 47 3.75 -19.47 19.58
CA TYR D 47 3.22 -19.17 20.91
C TYR D 47 1.74 -18.81 20.94
N TYR D 48 1.22 -18.25 19.85
CA TYR D 48 -0.17 -17.83 19.85
C TYR D 48 -1.06 -18.73 18.98
N PHE D 49 -0.47 -19.36 17.99
CA PHE D 49 -1.26 -20.09 17.01
C PHE D 49 -0.85 -21.57 16.93
N GLY D 50 0.04 -21.98 17.83
CA GLY D 50 0.47 -23.36 17.89
C GLY D 50 0.83 -23.98 16.55
N ASP D 51 -0.01 -24.91 16.10
CA ASP D 51 0.23 -25.66 14.86
C ASP D 51 -0.03 -24.78 13.63
N LYS D 52 -0.95 -23.82 13.79
CA LYS D 52 -1.32 -22.92 12.71
C LYS D 52 -0.24 -21.87 12.41
N ALA D 53 0.94 -22.04 12.99
CA ALA D 53 2.01 -21.07 12.80
C ALA D 53 2.37 -20.94 11.31
N ALA D 54 2.53 -19.70 10.86
CA ALA D 54 2.97 -19.46 9.49
C ALA D 54 4.44 -19.87 9.30
N SER D 55 4.80 -20.19 8.06
CA SER D 55 6.15 -20.66 7.74
C SER D 55 7.13 -19.50 7.65
N GLU D 56 8.41 -19.84 7.62
CA GLU D 56 9.49 -18.86 7.48
C GLU D 56 9.31 -17.94 6.26
N GLN D 57 9.10 -18.51 5.09
CA GLN D 57 8.94 -17.69 3.90
C GLN D 57 7.70 -16.80 4.01
N ASP D 58 6.58 -17.36 4.46
CA ASP D 58 5.39 -16.54 4.70
C ASP D 58 5.74 -15.31 5.54
N LEU D 59 6.45 -15.57 6.65
CA LEU D 59 6.82 -14.52 7.58
C LEU D 59 7.78 -13.51 6.96
N ALA D 60 8.71 -13.97 6.15
CA ALA D 60 9.64 -13.04 5.51
C ALA D 60 8.86 -12.12 4.57
N ASN D 61 7.88 -12.68 3.89
CA ASN D 61 7.09 -11.91 2.94
C ASN D 61 6.22 -10.89 3.68
N TYR D 62 5.59 -11.33 4.76
CA TYR D 62 4.76 -10.50 5.63
C TYR D 62 5.54 -9.29 6.14
N LEU D 63 6.72 -9.55 6.65
CA LEU D 63 7.55 -8.48 7.20
C LEU D 63 7.91 -7.51 6.09
N SER D 64 8.43 -8.06 4.99
CA SER D 64 8.95 -7.26 3.88
C SER D 64 7.90 -6.36 3.19
N HIS D 65 6.67 -6.85 3.04
CA HIS D 65 5.70 -6.15 2.20
C HIS D 65 4.45 -5.64 2.90
N GLN D 66 4.35 -5.89 4.20
CA GLN D 66 3.21 -5.42 4.96
C GLN D 66 3.62 -4.68 6.21
N VAL D 67 4.31 -5.39 7.11
CA VAL D 67 4.74 -4.77 8.36
C VAL D 67 5.59 -3.55 8.01
N PHE D 68 6.41 -3.70 6.98
CA PHE D 68 7.23 -2.63 6.46
C PHE D 68 6.69 -2.25 5.08
N SER D 69 5.68 -1.40 5.04
CA SER D 69 5.12 -0.97 3.77
C SER D 69 4.70 0.46 4.00
N GLU D 70 4.43 1.20 2.93
CA GLU D 70 4.01 2.58 3.06
C GLU D 70 2.65 2.72 3.71
N HIS D 71 1.86 1.66 3.70
CA HIS D 71 0.58 1.75 4.36
C HIS D 71 0.62 1.30 5.83
N SER D 72 1.78 0.85 6.32
CA SER D 72 1.87 0.42 7.72
C SER D 72 1.94 1.63 8.63
N GLY D 73 1.17 1.63 9.71
CA GLY D 73 1.27 2.68 10.69
C GLY D 73 2.29 2.44 11.80
N VAL D 74 2.90 1.27 11.86
CA VAL D 74 3.78 0.97 12.99
C VAL D 74 5.27 1.01 12.69
N LYS D 75 6.04 1.31 13.73
CA LYS D 75 7.47 1.11 13.71
C LYS D 75 7.77 -0.02 14.69
N VAL D 76 8.95 -0.61 14.57
CA VAL D 76 9.27 -1.79 15.33
C VAL D 76 10.58 -1.53 16.08
N ILE D 77 10.56 -1.69 17.40
CA ILE D 77 11.81 -1.70 18.15
C ILE D 77 12.15 -3.12 18.59
N ALA D 78 13.44 -3.42 18.66
CA ALA D 78 13.88 -4.73 19.12
C ALA D 78 14.98 -4.66 20.18
N ALA D 79 14.96 -5.63 21.08
CA ALA D 79 16.02 -5.80 22.07
C ALA D 79 16.95 -6.89 21.60
N VAL D 80 18.21 -6.54 21.43
CA VAL D 80 19.20 -7.47 20.89
C VAL D 80 20.35 -7.72 21.85
N GLU D 81 20.75 -8.98 21.98
CA GLU D 81 21.87 -9.36 22.81
C GLU D 81 22.70 -10.43 22.14
N HIS D 82 23.94 -10.09 21.80
CA HIS D 82 24.81 -10.99 21.06
C HIS D 82 24.20 -11.36 19.72
N ASP D 83 23.69 -10.34 19.04
CA ASP D 83 23.15 -10.50 17.69
C ASP D 83 21.90 -11.39 17.60
N LYS D 84 21.28 -11.69 18.74
CA LYS D 84 20.00 -12.40 18.75
C LYS D 84 18.89 -11.45 19.20
N VAL D 85 17.73 -11.53 18.54
CA VAL D 85 16.58 -10.77 18.98
C VAL D 85 15.91 -11.46 20.15
N LEU D 86 15.77 -10.74 21.26
CA LEU D 86 15.23 -11.31 22.49
C LEU D 86 13.78 -10.92 22.69
N GLY D 87 13.35 -9.89 21.96
CA GLY D 87 12.01 -9.35 22.08
C GLY D 87 11.80 -8.13 21.19
N PHE D 88 10.54 -7.74 21.01
CA PHE D 88 10.22 -6.58 20.19
C PHE D 88 8.92 -5.95 20.66
N ALA D 89 8.66 -4.74 20.17
CA ALA D 89 7.39 -4.05 20.36
C ALA D 89 7.10 -3.30 19.08
N THR D 90 5.83 -3.20 18.71
CA THR D 90 5.46 -2.35 17.60
C THR D 90 4.59 -1.23 18.18
N TYR D 91 4.73 -0.03 17.65
CA TYR D 91 3.95 1.10 18.14
C TYR D 91 3.64 2.05 17.01
N THR D 92 2.59 2.83 17.21
CA THR D 92 2.22 3.87 16.25
C THR D 92 1.95 5.12 17.05
N ILE D 93 1.98 6.27 16.39
CA ILE D 93 1.53 7.50 17.02
C ILE D 93 0.29 8.06 16.33
N PHE D 95 -3.32 10.60 16.05
CA PHE D 95 -3.86 11.95 16.21
C PHE D 95 -5.35 11.93 15.83
N PRO D 96 -6.13 12.93 16.29
CA PRO D 96 -5.79 13.99 17.22
C PRO D 96 -5.86 13.45 18.65
N ALA D 97 -5.52 14.28 19.63
CA ALA D 97 -5.49 13.89 21.03
C ALA D 97 -5.45 15.18 21.86
N PRO D 98 -5.68 15.08 23.18
CA PRO D 98 -5.72 16.30 23.99
C PRO D 98 -4.40 17.06 24.07
N LYS D 99 -4.51 18.34 24.41
CA LYS D 99 -3.34 19.17 24.63
C LYS D 99 -2.44 19.19 23.42
N LEU D 100 -3.03 19.23 22.22
CA LEU D 100 -2.25 19.39 21.01
C LEU D 100 -1.07 18.42 20.98
N SER D 101 -1.34 17.14 21.23
CA SER D 101 -0.26 16.19 21.20
C SER D 101 -0.66 14.85 20.60
N GLY D 102 0.33 13.97 20.46
CA GLY D 102 0.07 12.64 19.93
C GLY D 102 -0.28 11.68 21.06
N GLN D 103 -1.02 10.63 20.71
CA GLN D 103 -1.21 9.52 21.61
C GLN D 103 -0.46 8.31 21.05
N TYR D 105 0.52 4.41 20.78
CA TYR D 105 -0.19 3.16 21.04
C TYR D 105 0.73 1.98 20.73
N LYS D 107 1.08 -1.78 19.84
CA LYS D 107 0.23 -2.84 19.28
C LYS D 107 0.59 -4.19 19.89
N ASP D 108 1.88 -4.47 20.00
CA ASP D 108 2.35 -5.74 20.54
C ASP D 108 3.63 -5.58 21.31
N LEU D 109 3.74 -6.35 22.40
CA LEU D 109 4.98 -6.50 23.15
C LEU D 109 5.25 -7.99 23.22
N PHE D 110 6.43 -8.42 22.79
CA PHE D 110 6.77 -9.84 22.85
C PHE D 110 8.20 -10.08 23.31
N VAL D 111 8.33 -10.94 24.31
CA VAL D 111 9.61 -11.36 24.85
C VAL D 111 9.86 -12.86 24.59
N SER D 112 11.04 -13.17 24.05
CA SER D 112 11.40 -14.57 23.83
C SER D 112 11.41 -15.33 25.15
N SER D 113 10.84 -16.51 25.16
CA SER D 113 10.82 -17.37 26.34
C SER D 113 12.25 -17.65 26.80
N SER D 114 13.19 -17.65 25.87
CA SER D 114 14.60 -17.85 26.18
C SER D 114 15.28 -16.61 26.80
N ALA D 115 14.51 -15.57 27.05
CA ALA D 115 15.06 -14.34 27.63
C ALA D 115 14.27 -13.98 28.88
N ARG D 116 13.49 -14.94 29.37
CA ARG D 116 12.64 -14.70 30.51
C ARG D 116 13.50 -14.35 31.72
N GLY D 117 12.97 -13.45 32.56
CA GLY D 117 13.62 -13.11 33.81
C GLY D 117 14.72 -12.08 33.64
N LYS D 118 14.82 -11.48 32.45
CA LYS D 118 15.84 -10.46 32.24
C LYS D 118 15.28 -9.04 32.23
N GLY D 119 13.97 -8.91 32.45
CA GLY D 119 13.35 -7.59 32.45
C GLY D 119 13.21 -6.98 31.06
N ILE D 120 13.21 -7.81 30.03
CA ILE D 120 13.18 -7.33 28.65
C ILE D 120 11.93 -6.51 28.32
N GLY D 121 10.77 -7.02 28.70
CA GLY D 121 9.51 -6.33 28.46
C GLY D 121 9.50 -4.91 29.00
N LEU D 122 9.95 -4.75 30.24
CA LEU D 122 10.06 -3.45 30.90
C LEU D 122 11.01 -2.51 30.16
N GLN D 123 12.19 -3.03 29.78
CA GLN D 123 13.17 -2.27 29.01
C GLN D 123 12.64 -1.75 27.67
N LEU D 124 11.91 -2.61 26.94
CA LEU D 124 11.26 -2.17 25.71
C LEU D 124 10.29 -1.01 25.96
N LYS D 126 10.19 1.27 28.56
CA LYS D 126 10.91 2.49 28.90
C LYS D 126 11.43 3.17 27.64
N HIS D 127 11.97 2.38 26.71
CA HIS D 127 12.40 2.91 25.43
C HIS D 127 11.24 3.55 24.66
N LEU D 128 10.08 2.89 24.63
CA LEU D 128 8.92 3.48 23.97
C LEU D 128 8.59 4.81 24.63
N ALA D 129 8.67 4.84 25.97
CA ALA D 129 8.36 6.05 26.71
C ALA D 129 9.28 7.18 26.28
N THR D 130 10.56 6.85 26.10
CA THR D 130 11.54 7.84 25.66
C THR D 130 11.17 8.37 24.28
N ILE D 131 10.78 7.49 23.37
CA ILE D 131 10.29 7.92 22.06
C ILE D 131 9.06 8.80 22.25
N ALA D 132 8.12 8.37 23.08
CA ALA D 132 6.90 9.13 23.36
C ALA D 132 7.13 10.58 23.79
N ILE D 133 8.00 10.81 24.78
CA ILE D 133 8.23 12.18 25.24
C ILE D 133 9.04 13.06 24.28
N THR D 134 9.87 12.45 23.45
CA THR D 134 10.62 13.23 22.46
C THR D 134 9.82 13.49 21.18
N HIS D 135 8.62 12.94 21.10
CA HIS D 135 7.76 13.19 19.95
C HIS D 135 6.42 13.76 20.39
N ASN D 136 6.47 14.48 21.51
CA ASN D 136 5.30 15.18 22.03
C ASN D 136 4.06 14.31 22.25
N CYS D 137 4.24 13.09 22.73
CA CYS D 137 3.09 12.29 23.16
C CYS D 137 2.90 12.36 24.67
N GLN D 138 1.71 12.77 25.09
CA GLN D 138 1.35 12.83 26.50
C GLN D 138 0.90 11.49 27.01
N ARG D 139 0.69 10.54 26.09
CA ARG D 139 0.13 9.24 26.43
C ARG D 139 0.79 8.07 25.70
N LEU D 140 1.00 6.98 26.44
CA LEU D 140 1.30 5.69 25.85
C LEU D 140 0.16 4.75 26.28
N ASP D 141 -0.58 4.25 25.30
CA ASP D 141 -1.72 3.38 25.57
C ASP D 141 -1.48 2.02 24.93
N TRP D 142 -2.16 1.00 25.42
CA TRP D 142 -2.15 -0.32 24.80
C TRP D 142 -3.29 -1.14 25.41
N THR D 143 -3.51 -2.36 24.92
CA THR D 143 -4.50 -3.23 25.55
C THR D 143 -3.91 -4.55 25.99
N ALA D 144 -4.61 -5.20 26.90
CA ALA D 144 -4.30 -6.56 27.33
C ALA D 144 -5.58 -7.41 27.30
N GLU D 145 -5.43 -8.72 27.33
CA GLU D 145 -6.56 -9.63 27.43
C GLU D 145 -6.81 -10.01 28.89
N SER D 146 -8.06 -9.91 29.32
CA SER D 146 -8.45 -10.27 30.69
C SER D 146 -8.29 -11.78 30.96
N THR D 147 -8.19 -12.56 29.88
CA THR D 147 -7.96 -13.99 29.97
C THR D 147 -6.46 -14.26 30.07
N ASN D 148 -5.69 -13.19 30.24
CA ASN D 148 -4.25 -13.24 30.42
C ASN D 148 -3.87 -12.32 31.58
N PRO D 149 -4.36 -12.65 32.78
CA PRO D 149 -4.27 -11.82 33.99
C PRO D 149 -2.83 -11.47 34.35
N THR D 150 -1.88 -12.35 34.04
CA THR D 150 -0.48 -12.07 34.33
C THR D 150 -0.02 -10.80 33.59
N ALA D 151 -0.60 -10.57 32.42
CA ALA D 151 -0.25 -9.39 31.65
C ALA D 151 -0.78 -8.15 32.35
N GLY D 152 -2.04 -8.20 32.76
CA GLY D 152 -2.62 -7.10 33.53
C GLY D 152 -1.83 -6.79 34.78
N LYS D 153 -1.54 -7.83 35.56
CA LYS D 153 -0.77 -7.70 36.80
C LYS D 153 0.60 -7.05 36.57
N PHE D 154 1.30 -7.52 35.54
CA PHE D 154 2.58 -6.95 35.18
C PHE D 154 2.46 -5.46 34.88
N TYR D 155 1.51 -5.08 34.02
CA TYR D 155 1.36 -3.68 33.64
C TYR D 155 1.08 -2.77 34.83
N LYS D 156 0.14 -3.19 35.68
CA LYS D 156 -0.18 -2.46 36.90
C LYS D 156 1.09 -2.32 37.76
N SER D 157 1.91 -3.36 37.79
CA SER D 157 3.08 -3.38 38.68
C SER D 157 4.17 -2.38 38.25
N ILE D 158 4.17 -1.99 36.98
CA ILE D 158 5.16 -0.99 36.51
C ILE D 158 4.60 0.44 36.49
N GLY D 159 3.37 0.61 36.98
CA GLY D 159 2.80 1.93 37.16
C GLY D 159 1.65 2.29 36.22
N ALA D 160 1.20 1.33 35.41
CA ALA D 160 0.17 1.61 34.41
C ALA D 160 -1.23 1.70 35.03
N SER D 161 -2.08 2.57 34.48
CA SER D 161 -3.47 2.69 34.92
C SER D 161 -4.42 1.99 33.96
N LEU D 162 -5.35 1.24 34.53
CA LEU D 162 -6.44 0.66 33.77
C LEU D 162 -7.49 1.75 33.53
N ILE D 163 -7.87 1.95 32.27
CA ILE D 163 -8.92 2.93 31.94
C ILE D 163 -10.21 2.17 31.73
N ARG D 164 -11.00 2.07 32.79
CA ARG D 164 -12.22 1.28 32.81
C ARG D 164 -13.34 1.78 31.89
N GLU D 165 -13.41 3.10 31.69
CA GLU D 165 -14.43 3.72 30.82
C GLU D 165 -14.24 3.45 29.33
N LYS D 166 -13.10 2.89 28.94
CA LYS D 166 -12.80 2.62 27.54
C LYS D 166 -13.56 1.39 27.07
N GLU D 167 -14.32 1.51 25.99
CA GLU D 167 -14.97 0.36 25.39
C GLU D 167 -14.30 0.04 24.05
N TYR D 168 -13.91 -1.22 23.86
CA TYR D 168 -13.23 -1.65 22.64
C TYR D 168 -14.25 -2.27 21.67
N TYR D 169 -14.35 -1.68 20.48
CA TYR D 169 -15.27 -2.18 19.45
C TYR D 169 -14.54 -2.72 18.23
N ARG D 170 -15.19 -3.64 17.53
CA ARG D 170 -14.57 -4.31 16.41
C ARG D 170 -15.56 -4.77 15.36
N PHE D 171 -15.16 -4.63 14.09
CA PHE D 171 -15.78 -5.32 12.97
C PHE D 171 -14.73 -6.27 12.48
N GLU D 172 -15.15 -7.50 12.13
CA GLU D 172 -14.21 -8.44 11.53
C GLU D 172 -14.89 -9.48 10.63
N GLY D 173 -14.05 -10.20 9.90
CA GLY D 173 -14.52 -11.30 9.06
C GLY D 173 -15.71 -10.93 8.22
N ASN D 174 -16.80 -11.69 8.37
CA ASN D 174 -18.01 -11.46 7.58
C ASN D 174 -18.68 -10.13 7.89
N GLY D 175 -18.63 -9.72 9.16
CA GLY D 175 -19.24 -8.46 9.57
C GLY D 175 -18.53 -7.31 8.91
N LEU D 176 -17.20 -7.37 8.88
CA LEU D 176 -16.42 -6.32 8.24
C LEU D 176 -16.70 -6.28 6.74
N ASN D 177 -16.78 -7.45 6.11
CA ASN D 177 -17.16 -7.54 4.71
C ASN D 177 -18.51 -6.90 4.42
N LYS D 178 -19.51 -7.23 5.23
CA LYS D 178 -20.85 -6.71 4.99
C LYS D 178 -20.88 -5.19 5.08
N LEU D 179 -20.12 -4.63 6.02
CA LEU D 179 -20.02 -3.19 6.11
C LEU D 179 -19.37 -2.62 4.85
N ALA D 180 -18.27 -3.23 4.43
CA ALA D 180 -17.59 -2.75 3.23
C ALA D 180 -18.52 -2.84 2.03
N LYS D 181 -19.20 -3.97 1.89
CA LYS D 181 -20.05 -4.19 0.73
C LYS D 181 -21.25 -3.24 0.68
N SER D 182 -21.63 -2.66 1.81
CA SER D 182 -22.74 -1.71 1.80
C SER D 182 -22.30 -0.31 1.32
N LEU D 183 -21.02 -0.17 1.01
CA LEU D 183 -20.53 1.07 0.40
C LEU D 183 -21.13 1.24 -1.00
#